data_7JX2
#
_entry.id   7JX2
#
_cell.length_a   37.339
_cell.length_b   64.450
_cell.length_c   66.580
_cell.angle_alpha   90.00
_cell.angle_beta   90.00
_cell.angle_gamma   90.00
#
_symmetry.space_group_name_H-M   'P 21 21 21'
#
loop_
_entity.id
_entity.type
_entity.pdbx_description
1 polymer 'Retinol-binding protein 2'
2 non-polymer '1,3-dihydroxypropan-2-yl hexadecanoate'
3 water water
#
_entity_poly.entity_id   1
_entity_poly.type   'polypeptide(L)'
_entity_poly.pdbx_seq_one_letter_code
;MTRDQNGTWEMESNENFEGYMKALDIDFATRKIAVRLTQTKVIDQDGDNFKTKTTSTFRNYDVDFTVGVEFDEYTKSLDN
RHVKALVTWEGDVLVCVQKGEKENRGWKQWIEGDKLYLELTCGDQVCRQVFKKKLVPR
;
_entity_poly.pdbx_strand_id   A
#
# COMPACT_ATOMS: atom_id res chain seq x y z
N MET A 1 13.62 9.03 -13.50
CA MET A 1 13.14 7.62 -13.59
C MET A 1 12.01 7.45 -12.56
N THR A 2 11.41 8.57 -12.18
CA THR A 2 10.56 8.63 -10.99
C THR A 2 9.32 7.75 -11.08
N ARG A 3 8.99 7.24 -12.25
CA ARG A 3 7.84 6.36 -12.41
C ARG A 3 8.23 4.89 -12.44
N ASP A 4 9.52 4.57 -12.42
CA ASP A 4 9.98 3.18 -12.40
C ASP A 4 10.04 2.71 -10.96
N GLN A 5 9.02 1.96 -10.55
CA GLN A 5 8.92 1.44 -9.20
C GLN A 5 9.33 -0.02 -9.09
N ASN A 6 9.90 -0.59 -10.15
CA ASN A 6 10.31 -1.98 -10.12
C ASN A 6 11.31 -2.23 -8.99
N GLY A 7 11.19 -3.40 -8.37
CA GLY A 7 12.24 -3.91 -7.51
C GLY A 7 11.72 -4.38 -6.18
N THR A 8 12.66 -4.69 -5.28
CA THR A 8 12.36 -5.09 -3.91
C THR A 8 12.73 -3.96 -2.97
N TRP A 9 11.77 -3.58 -2.12
CA TRP A 9 11.90 -2.43 -1.22
C TRP A 9 11.72 -2.89 0.21
N GLU A 10 12.65 -2.50 1.07
CA GLU A 10 12.68 -2.94 2.46
C GLU A 10 12.26 -1.79 3.37
N MET A 11 11.25 -2.03 4.19
CA MET A 11 10.74 -0.99 5.08
C MET A 11 11.86 -0.45 5.97
N GLU A 12 11.87 0.87 6.15
CA GLU A 12 12.70 1.48 7.18
C GLU A 12 11.92 2.30 8.19
N SER A 13 10.71 2.76 7.86
CA SER A 13 9.88 3.52 8.79
C SER A 13 8.42 3.23 8.51
N ASN A 14 7.59 3.39 9.53
CA ASN A 14 6.18 3.02 9.45
C ASN A 14 5.43 3.82 10.52
N GLU A 15 4.91 4.97 10.13
CA GLU A 15 4.29 5.91 11.06
C GLU A 15 2.78 5.76 11.03
N ASN A 16 2.20 5.55 12.20
CA ASN A 16 0.76 5.52 12.39
C ASN A 16 0.09 4.37 11.61
N PHE A 17 0.83 3.29 11.36
CA PHE A 17 0.17 2.08 10.88
C PHE A 17 -0.94 1.67 11.82
N GLU A 18 -0.78 1.96 13.12
CA GLU A 18 -1.81 1.66 14.11
C GLU A 18 -3.08 2.46 13.84
N GLY A 19 -2.94 3.77 13.67
CA GLY A 19 -4.12 4.58 13.40
C GLY A 19 -4.86 4.13 12.14
N TYR A 20 -4.11 3.78 11.10
CA TYR A 20 -4.73 3.30 9.86
C TYR A 20 -5.46 1.99 10.08
N MET A 21 -4.87 1.07 10.85
CA MET A 21 -5.49 -0.23 11.09
C MET A 21 -6.75 -0.08 11.93
N LYS A 22 -6.72 0.77 12.95
CA LYS A 22 -7.91 0.99 13.77
C LYS A 22 -9.05 1.55 12.94
N ALA A 23 -8.74 2.43 11.98
CA ALA A 23 -9.77 3.00 11.11
C ALA A 23 -10.43 1.92 10.28
N LEU A 24 -9.69 0.88 9.90
CA LEU A 24 -10.25 -0.23 9.15
C LEU A 24 -10.94 -1.26 10.04
N ASP A 25 -11.02 -1.01 11.34
CA ASP A 25 -11.63 -1.90 12.31
C ASP A 25 -10.86 -3.20 12.51
N ILE A 26 -9.56 -3.21 12.24
CA ILE A 26 -8.76 -4.39 12.51
C ILE A 26 -8.81 -4.71 13.99
N ASP A 27 -8.96 -5.99 14.33
CA ASP A 27 -9.10 -6.40 15.72
C ASP A 27 -7.81 -6.11 16.49
N PHE A 28 -7.97 -5.89 17.80
CA PHE A 28 -6.85 -5.40 18.61
C PHE A 28 -5.70 -6.41 18.65
N ALA A 29 -6.02 -7.70 18.70
CA ALA A 29 -4.97 -8.71 18.75
C ALA A 29 -4.10 -8.65 17.51
N THR A 30 -4.72 -8.43 16.34
CA THR A 30 -3.95 -8.36 15.10
C THR A 30 -3.14 -7.08 15.02
N ARG A 31 -3.72 -5.94 15.41
CA ARG A 31 -2.98 -4.68 15.40
C ARG A 31 -1.74 -4.78 16.28
N LYS A 32 -1.91 -5.30 17.50
CA LYS A 32 -0.80 -5.51 18.42
C LYS A 32 0.33 -6.31 17.82
N ILE A 33 0.01 -7.27 16.94
CA ILE A 33 1.05 -8.00 16.25
C ILE A 33 1.58 -7.18 15.07
N ALA A 34 0.69 -6.64 14.26
CA ALA A 34 1.09 -6.10 12.96
C ALA A 34 1.83 -4.77 13.10
N VAL A 35 1.60 -4.02 14.18
CA VAL A 35 2.20 -2.70 14.30
C VAL A 35 3.71 -2.79 14.41
N ARG A 36 4.25 -3.95 14.80
CA ARG A 36 5.69 -4.10 14.93
C ARG A 36 6.38 -4.59 13.66
N LEU A 37 5.65 -5.15 12.71
CA LEU A 37 6.29 -5.91 11.64
C LEU A 37 7.04 -5.02 10.66
N THR A 38 8.24 -5.46 10.27
CA THR A 38 8.95 -4.87 9.15
C THR A 38 8.42 -5.47 7.86
N GLN A 39 8.08 -4.63 6.89
CA GLN A 39 7.46 -5.05 5.66
C GLN A 39 8.45 -5.00 4.50
N THR A 40 8.25 -5.91 3.54
CA THR A 40 8.94 -5.91 2.26
C THR A 40 7.89 -5.75 1.16
N LYS A 41 8.26 -5.05 0.08
CA LYS A 41 7.31 -4.80 -0.99
C LYS A 41 8.03 -5.05 -2.31
N VAL A 42 7.51 -6.00 -3.09
CA VAL A 42 8.10 -6.41 -4.35
C VAL A 42 7.17 -5.94 -5.46
N ILE A 43 7.70 -5.14 -6.39
CA ILE A 43 6.90 -4.56 -7.47
C ILE A 43 7.45 -5.06 -8.80
N ASP A 44 6.58 -5.69 -9.58
CA ASP A 44 6.86 -6.05 -10.98
C ASP A 44 6.03 -5.10 -11.82
N GLN A 45 6.70 -4.13 -12.46
CA GLN A 45 6.03 -3.09 -13.23
C GLN A 45 6.46 -3.18 -14.68
N ASP A 46 5.49 -3.36 -15.57
CA ASP A 46 5.71 -3.36 -17.03
C ASP A 46 4.82 -2.27 -17.60
N GLY A 47 5.37 -1.07 -17.74
CA GLY A 47 4.59 0.07 -18.18
C GLY A 47 3.52 0.44 -17.17
N ASP A 48 2.26 0.24 -17.52
CA ASP A 48 1.14 0.55 -16.65
C ASP A 48 0.55 -0.71 -16.00
N ASN A 49 1.17 -1.87 -16.20
CA ASN A 49 0.75 -3.11 -15.55
C ASN A 49 1.59 -3.32 -14.30
N PHE A 50 0.92 -3.52 -13.16
CA PHE A 50 1.59 -3.65 -11.88
C PHE A 50 1.22 -4.99 -11.24
N LYS A 51 2.24 -5.69 -10.73
CA LYS A 51 2.04 -6.85 -9.86
C LYS A 51 2.86 -6.60 -8.60
N THR A 52 2.18 -6.50 -7.45
CA THR A 52 2.83 -6.12 -6.21
C THR A 52 2.57 -7.15 -5.12
N LYS A 53 3.53 -7.27 -4.21
CA LYS A 53 3.50 -8.26 -3.14
C LYS A 53 4.10 -7.61 -1.90
N THR A 54 3.29 -7.46 -0.85
CA THR A 54 3.74 -6.90 0.42
C THR A 54 3.79 -8.03 1.44
N THR A 55 4.96 -8.25 2.06
CA THR A 55 5.20 -9.46 2.85
C THR A 55 5.74 -9.14 4.24
N SER A 56 5.60 -10.11 5.14
CA SER A 56 6.05 -10.03 6.53
C SER A 56 6.04 -11.45 7.09
N THR A 57 6.52 -11.56 8.37
CA THR A 57 6.32 -12.76 9.19
C THR A 57 4.84 -13.09 9.39
N PHE A 58 3.98 -12.09 9.55
CA PHE A 58 2.60 -12.43 9.96
C PHE A 58 1.68 -12.80 8.79
N ARG A 59 1.66 -11.98 7.75
CA ARG A 59 0.78 -12.18 6.62
C ARG A 59 1.38 -11.47 5.41
N ASN A 60 0.89 -11.85 4.23
CA ASN A 60 1.27 -11.21 2.98
C ASN A 60 0.02 -10.65 2.31
N TYR A 61 0.22 -9.63 1.47
CA TYR A 61 -0.88 -9.07 0.69
C TYR A 61 -0.41 -8.82 -0.72
N ASP A 62 -1.13 -9.39 -1.69
CA ASP A 62 -0.84 -9.21 -3.10
C ASP A 62 -1.98 -8.44 -3.77
N VAL A 63 -1.63 -7.56 -4.70
CA VAL A 63 -2.63 -6.86 -5.51
C VAL A 63 -2.00 -6.55 -6.85
N ASP A 64 -2.73 -6.86 -7.93
CA ASP A 64 -2.32 -6.60 -9.29
C ASP A 64 -3.30 -5.64 -9.92
N PHE A 65 -2.81 -4.73 -10.77
CA PHE A 65 -3.70 -3.75 -11.37
C PHE A 65 -3.05 -3.15 -12.61
N THR A 66 -3.89 -2.53 -13.43
CA THR A 66 -3.45 -1.73 -14.58
C THR A 66 -3.86 -0.29 -14.33
N VAL A 67 -2.91 0.64 -14.50
CA VAL A 67 -3.21 2.05 -14.32
C VAL A 67 -4.38 2.44 -15.20
N GLY A 68 -5.38 3.09 -14.60
CA GLY A 68 -6.53 3.56 -15.34
C GLY A 68 -7.66 2.58 -15.48
N VAL A 69 -7.53 1.38 -14.93
CA VAL A 69 -8.53 0.32 -15.05
C VAL A 69 -9.09 0.04 -13.67
N GLU A 70 -10.33 0.48 -13.42
CA GLU A 70 -10.97 0.18 -12.16
C GLU A 70 -11.15 -1.33 -12.00
N PHE A 71 -10.91 -1.83 -10.80
CA PHE A 71 -10.99 -3.27 -10.54
C PHE A 71 -11.58 -3.52 -9.16
N ASP A 72 -12.09 -4.73 -8.98
CA ASP A 72 -12.69 -5.16 -7.71
C ASP A 72 -11.58 -5.69 -6.82
N GLU A 73 -11.18 -4.91 -5.84
CA GLU A 73 -10.14 -5.32 -4.89
C GLU A 73 -10.80 -5.95 -3.67
N TYR A 74 -10.29 -7.11 -3.27
CA TYR A 74 -10.71 -7.77 -2.05
C TYR A 74 -9.51 -7.82 -1.12
N THR A 75 -9.58 -7.11 0.01
CA THR A 75 -8.44 -6.89 0.88
C THR A 75 -8.22 -8.07 1.83
N LYS A 76 -8.04 -9.24 1.22
CA LYS A 76 -7.78 -10.48 1.95
C LYS A 76 -6.67 -10.29 2.97
N SER A 77 -6.91 -10.81 4.18
CA SER A 77 -5.91 -10.83 5.24
C SER A 77 -5.68 -9.45 5.87
N LEU A 78 -6.26 -8.41 5.27
CA LEU A 78 -6.26 -7.09 5.90
C LEU A 78 -7.56 -6.91 6.66
N ASP A 79 -8.48 -6.10 6.12
CA ASP A 79 -9.82 -5.96 6.69
C ASP A 79 -10.87 -6.80 5.98
N ASN A 80 -10.47 -7.52 4.93
CA ASN A 80 -11.36 -8.46 4.24
C ASN A 80 -12.63 -7.78 3.75
N ARG A 81 -12.45 -6.68 3.03
CA ARG A 81 -13.54 -5.90 2.48
C ARG A 81 -13.43 -5.83 0.96
N HIS A 82 -14.57 -5.58 0.33
CA HIS A 82 -14.64 -5.35 -1.11
C HIS A 82 -14.65 -3.85 -1.38
N VAL A 83 -13.76 -3.41 -2.25
CA VAL A 83 -13.71 -2.01 -2.68
C VAL A 83 -13.55 -1.97 -4.19
N LYS A 84 -14.05 -0.90 -4.79
CA LYS A 84 -13.72 -0.55 -6.17
C LYS A 84 -12.47 0.31 -6.15
N ALA A 85 -11.41 -0.16 -6.81
CA ALA A 85 -10.12 0.49 -6.77
C ALA A 85 -9.74 0.97 -8.17
N LEU A 86 -9.22 2.20 -8.23
CA LEU A 86 -8.67 2.76 -9.45
C LEU A 86 -7.32 3.36 -9.12
N VAL A 87 -6.30 3.01 -9.91
CA VAL A 87 -4.97 3.58 -9.78
C VAL A 87 -4.70 4.45 -11.01
N THR A 88 -4.23 5.67 -10.77
CA THR A 88 -3.88 6.59 -11.84
C THR A 88 -2.58 7.31 -11.46
N TRP A 89 -1.95 7.90 -12.47
CA TRP A 89 -0.79 8.76 -12.27
C TRP A 89 -1.26 10.18 -12.02
N GLU A 90 -0.81 10.77 -10.91
CA GLU A 90 -0.98 12.19 -10.63
C GLU A 90 0.43 12.78 -10.59
N GLY A 91 0.90 13.26 -11.74
CA GLY A 91 2.31 13.58 -11.86
C GLY A 91 3.10 12.29 -11.91
N ASP A 92 4.09 12.16 -11.02
CA ASP A 92 4.84 10.92 -10.85
C ASP A 92 4.46 10.20 -9.58
N VAL A 93 3.28 10.47 -9.04
CA VAL A 93 2.75 9.78 -7.86
C VAL A 93 1.69 8.79 -8.32
N LEU A 94 1.81 7.54 -7.86
CA LEU A 94 0.80 6.53 -8.12
C LEU A 94 -0.30 6.68 -7.08
N VAL A 95 -1.52 6.99 -7.52
CA VAL A 95 -2.62 7.35 -6.64
C VAL A 95 -3.72 6.32 -6.81
N CYS A 96 -4.13 5.71 -5.69
CA CYS A 96 -5.22 4.75 -5.67
C CYS A 96 -6.34 5.27 -4.77
N VAL A 97 -7.55 5.29 -5.30
CA VAL A 97 -8.76 5.56 -4.52
C VAL A 97 -9.49 4.25 -4.32
N GLN A 98 -9.90 3.97 -3.08
CA GLN A 98 -10.61 2.74 -2.76
C GLN A 98 -12.01 3.08 -2.24
N LYS A 99 -13.00 3.06 -3.14
CA LYS A 99 -14.35 3.45 -2.75
C LYS A 99 -15.14 2.21 -2.38
N GLY A 100 -15.82 2.28 -1.23
CA GLY A 100 -16.60 1.21 -0.66
C GLY A 100 -17.15 1.71 0.66
N GLU A 101 -17.07 0.88 1.70
CA GLU A 101 -17.72 1.20 2.96
C GLU A 101 -17.02 2.35 3.69
N LYS A 102 -15.70 2.40 3.64
CA LYS A 102 -14.94 3.43 4.33
C LYS A 102 -14.73 4.64 3.42
N GLU A 103 -14.92 5.83 3.99
CA GLU A 103 -14.75 7.07 3.25
C GLU A 103 -13.30 7.52 3.28
N ASN A 104 -12.89 8.21 2.22
CA ASN A 104 -11.52 8.71 2.09
C ASN A 104 -10.50 7.59 2.29
N ARG A 105 -10.68 6.50 1.55
CA ARG A 105 -9.79 5.37 1.60
C ARG A 105 -8.98 5.28 0.31
N GLY A 106 -7.67 5.14 0.46
CA GLY A 106 -6.80 5.00 -0.70
C GLY A 106 -5.35 5.00 -0.27
N TRP A 107 -4.47 5.14 -1.26
CA TRP A 107 -3.05 5.28 -0.97
C TRP A 107 -2.36 6.04 -2.09
N LYS A 108 -1.14 6.47 -1.79
CA LYS A 108 -0.28 7.19 -2.74
C LYS A 108 1.13 6.64 -2.60
N GLN A 109 1.76 6.32 -3.72
CA GLN A 109 3.06 5.67 -3.74
C GLN A 109 3.94 6.33 -4.78
N TRP A 110 5.17 6.70 -4.39
CA TRP A 110 6.05 7.37 -5.32
C TRP A 110 7.51 7.10 -4.97
N ILE A 111 8.38 7.43 -5.93
CA ILE A 111 9.81 7.17 -5.83
C ILE A 111 10.53 8.49 -5.61
N GLU A 112 11.57 8.45 -4.77
CA GLU A 112 12.55 9.53 -4.64
C GLU A 112 13.92 8.85 -4.63
N GLY A 113 14.46 8.60 -5.81
CA GLY A 113 15.77 7.97 -5.89
C GLY A 113 15.69 6.52 -5.42
N ASP A 114 16.43 6.22 -4.36
CA ASP A 114 16.46 4.88 -3.77
C ASP A 114 15.43 4.69 -2.66
N LYS A 115 14.51 5.64 -2.49
CA LYS A 115 13.47 5.54 -1.50
C LYS A 115 12.11 5.41 -2.18
N LEU A 116 11.27 4.53 -1.64
N LEU A 116 11.25 4.54 -1.63
CA LEU A 116 9.88 4.38 -2.05
CA LEU A 116 9.88 4.40 -2.09
C LEU A 116 9.00 4.84 -0.90
C LEU A 116 8.96 4.78 -0.95
N TYR A 117 8.11 5.79 -1.19
CA TYR A 117 7.21 6.33 -0.18
C TYR A 117 5.80 5.82 -0.43
N LEU A 118 5.08 5.52 0.64
CA LEU A 118 3.71 5.04 0.55
C LEU A 118 2.91 5.66 1.69
N GLU A 119 1.88 6.41 1.34
CA GLU A 119 0.96 6.99 2.32
C GLU A 119 -0.38 6.26 2.21
N LEU A 120 -0.77 5.59 3.30
CA LEU A 120 -2.04 4.89 3.38
C LEU A 120 -3.03 5.75 4.15
N THR A 121 -4.23 5.93 3.60
CA THR A 121 -5.23 6.79 4.20
C THR A 121 -6.53 6.02 4.37
N CYS A 122 -7.16 6.21 5.53
CA CYS A 122 -8.52 5.75 5.76
C CYS A 122 -9.20 6.77 6.66
N GLY A 123 -10.20 7.45 6.11
CA GLY A 123 -10.91 8.47 6.87
C GLY A 123 -9.99 9.49 7.48
N ASP A 124 -9.96 9.53 8.82
CA ASP A 124 -9.23 10.55 9.55
C ASP A 124 -7.76 10.20 9.79
N GLN A 125 -7.28 9.08 9.26
CA GLN A 125 -5.98 8.54 9.64
C GLN A 125 -5.10 8.36 8.42
N VAL A 126 -3.84 8.79 8.54
CA VAL A 126 -2.84 8.67 7.48
C VAL A 126 -1.65 7.91 8.03
N CYS A 127 -1.25 6.86 7.32
CA CYS A 127 -0.05 6.09 7.62
C CYS A 127 1.02 6.42 6.58
N ARG A 128 2.24 6.69 7.06
CA ARG A 128 3.35 7.09 6.21
C ARG A 128 4.47 6.06 6.35
N GLN A 129 4.79 5.40 5.24
CA GLN A 129 5.82 4.37 5.20
C GLN A 129 6.91 4.78 4.23
N VAL A 130 8.14 4.36 4.53
CA VAL A 130 9.30 4.62 3.68
C VAL A 130 10.07 3.32 3.55
N PHE A 131 10.38 2.94 2.30
CA PHE A 131 11.13 1.74 2.00
C PHE A 131 12.44 2.10 1.30
N LYS A 132 13.46 1.27 1.50
CA LYS A 132 14.78 1.41 0.89
C LYS A 132 14.91 0.34 -0.20
N LYS A 133 15.42 0.75 -1.37
CA LYS A 133 15.67 -0.20 -2.46
C LYS A 133 16.63 -1.27 -1.96
N LYS A 134 16.26 -2.53 -2.17
CA LYS A 134 17.05 -3.65 -1.65
C LYS A 134 18.51 -3.50 -2.01
N LEU A 135 19.39 -3.74 -1.05
CA LEU A 135 20.83 -3.62 -1.26
C LEU A 135 21.30 -4.60 -2.34
#